data_2R9J
#
_entry.id   2R9J
#
_cell.length_a   63.330
_cell.length_b   50.340
_cell.length_c   65.910
_cell.angle_alpha   90.00
_cell.angle_beta   107.65
_cell.angle_gamma   90.00
#
_symmetry.space_group_name_H-M   'P 1 21 1'
#
loop_
_entity.id
_entity.type
_entity.pdbx_description
1 polymer "Lactotransferrin'"
2 branched 2-acetamido-2-deoxy-beta-D-glucopyranose-(1-4)-2-acetamido-2-deoxy-beta-D-glucopyranose
3 non-polymer 2-acetamido-2-deoxy-beta-D-glucopyranose
4 non-polymer 'ZINC ION'
5 non-polymer 'FE (III) ION'
6 non-polymer 'CARBONATE ION'
7 non-polymer 'SULFATE ION'
8 non-polymer NICOTINAMIDE
9 water water
#
_entity_poly.entity_id   1
_entity_poly.type   'polypeptide(L)'
_entity_poly.pdbx_seq_one_letter_code
;YTRVVWCAVGPEEQKKCQQWSQQSGQNVTCATASTTDDCIVLVLKGEADALNLDGGYIYTAGKCGLVPVLAENRKSSKHS
SLDCVLRPTEGYLAVAVVKKANEGLTWNSLKDKKSCHTAVDRTAGWNIPMGLIVNQTGSCAFDEFFSQSCAPGADPKSRL
CALCAGDDQGLDKCVPNSKEKYYGYTGAFRCLAEDVGDVAFVKNDTVWENTNGESTADWAKNLKREDFRLLCLDGTRKPV
TEAQSCHLAVAPNHAVVSRSDRAAHVEQVLLHQQALFGKNGKNCPDKFCLFKSETKNLLFNDNTECLAKLGGRPTYEEYL
GTEYVTAIANLKKCSTSPLLEACAF
;
_entity_poly.pdbx_strand_id   A
#
loop_
_chem_comp.id
_chem_comp.type
_chem_comp.name
_chem_comp.formula
CO3 non-polymer 'CARBONATE ION' 'C O3 -2'
FE non-polymer 'FE (III) ION' 'Fe 3'
NAG D-saccharide, beta linking 2-acetamido-2-deoxy-beta-D-glucopyranose 'C8 H15 N O6'
NCA non-polymer NICOTINAMIDE 'C6 H6 N2 O'
SO4 non-polymer 'SULFATE ION' 'O4 S -2'
ZN non-polymer 'ZINC ION' 'Zn 2'
#
# COMPACT_ATOMS: atom_id res chain seq x y z
N TYR A 1 22.12 -20.98 -3.66
CA TYR A 1 22.49 -19.57 -3.99
C TYR A 1 22.02 -18.69 -2.82
N THR A 2 21.66 -19.37 -1.74
CA THR A 2 21.12 -18.83 -0.47
C THR A 2 21.58 -17.50 0.22
N ARG A 3 21.24 -16.36 -0.38
CA ARG A 3 21.56 -15.05 0.19
C ARG A 3 20.69 -14.09 -0.57
N VAL A 4 19.73 -13.50 0.15
CA VAL A 4 18.78 -12.57 -0.47
C VAL A 4 18.95 -11.08 -0.13
N VAL A 5 18.96 -10.23 -1.16
CA VAL A 5 19.07 -8.79 -0.95
C VAL A 5 17.71 -8.09 -1.11
N TRP A 6 17.20 -7.57 0.02
CA TRP A 6 15.92 -6.87 0.05
C TRP A 6 16.09 -5.42 -0.35
N CYS A 7 15.11 -4.85 -1.04
CA CYS A 7 15.20 -3.46 -1.39
C CYS A 7 14.28 -2.68 -0.46
N ALA A 8 14.87 -1.78 0.32
CA ALA A 8 14.11 -0.95 1.24
C ALA A 8 13.90 0.42 0.61
N VAL A 9 12.70 0.95 0.79
CA VAL A 9 12.35 2.25 0.22
C VAL A 9 12.39 3.33 1.28
N GLY A 10 13.48 4.10 1.33
CA GLY A 10 13.55 5.17 2.30
C GLY A 10 14.34 4.83 3.54
N PRO A 11 14.71 5.83 4.35
CA PRO A 11 15.49 5.59 5.57
C PRO A 11 14.88 4.81 6.71
N GLU A 12 13.57 4.80 6.84
CA GLU A 12 12.95 4.04 7.92
C GLU A 12 12.88 2.55 7.59
N GLU A 13 12.59 2.21 6.34
CA GLU A 13 12.56 0.80 5.98
C GLU A 13 14.03 0.39 5.96
N GLN A 14 14.91 1.30 5.54
CA GLN A 14 16.31 0.91 5.55
C GLN A 14 16.73 0.46 6.94
N LYS A 15 16.29 1.18 7.96
CA LYS A 15 16.64 0.84 9.34
C LYS A 15 15.99 -0.48 9.78
N LYS A 16 14.75 -0.74 9.39
CA LYS A 16 14.12 -2.00 9.79
C LYS A 16 14.81 -3.17 9.09
N CYS A 17 15.23 -2.93 7.86
CA CYS A 17 15.91 -3.95 7.09
C CYS A 17 17.26 -4.28 7.71
N GLN A 18 18.06 -3.25 7.98
CA GLN A 18 19.38 -3.47 8.58
C GLN A 18 19.23 -4.34 9.84
N GLN A 19 18.17 -4.10 10.61
CA GLN A 19 17.90 -4.86 11.84
C GLN A 19 17.64 -6.34 11.51
N TRP A 20 16.75 -6.58 10.56
CA TRP A 20 16.38 -7.92 10.13
C TRP A 20 17.61 -8.66 9.60
N SER A 21 18.48 -7.91 8.93
CA SER A 21 19.71 -8.45 8.35
C SER A 21 20.64 -9.02 9.42
N GLN A 22 20.72 -8.31 10.53
CA GLN A 22 21.55 -8.72 11.67
C GLN A 22 20.98 -9.99 12.27
N GLN A 23 19.72 -9.96 12.64
CA GLN A 23 19.03 -11.11 13.23
C GLN A 23 19.04 -12.35 12.34
N SER A 24 19.36 -12.18 11.07
CA SER A 24 19.37 -13.32 10.16
C SER A 24 20.79 -13.83 9.87
N GLY A 25 21.79 -13.19 10.46
CA GLY A 25 23.16 -13.64 10.22
C GLY A 25 23.54 -13.38 8.79
N GLN A 26 22.92 -12.35 8.21
CA GLN A 26 23.16 -11.91 6.83
C GLN A 26 22.54 -12.80 5.77
N ASN A 27 21.55 -13.60 6.15
CA ASN A 27 20.92 -14.45 5.15
C ASN A 27 20.18 -13.51 4.20
N VAL A 28 19.95 -12.31 4.70
CA VAL A 28 19.29 -11.26 3.96
C VAL A 28 20.06 -9.98 4.20
N THR A 29 20.32 -9.25 3.11
CA THR A 29 21.01 -7.97 3.24
C THR A 29 20.18 -6.89 2.58
N CYS A 30 20.56 -5.64 2.82
CA CYS A 30 19.79 -4.53 2.30
C CYS A 30 20.39 -3.61 1.26
N ALA A 31 19.52 -3.16 0.37
CA ALA A 31 19.84 -2.23 -0.68
C ALA A 31 18.79 -1.17 -0.37
N THR A 32 19.07 0.09 -0.65
CA THR A 32 18.11 1.15 -0.36
C THR A 32 17.94 2.14 -1.50
N ALA A 33 16.73 2.65 -1.66
CA ALA A 33 16.44 3.63 -2.69
C ALA A 33 15.37 4.59 -2.17
N SER A 34 15.24 5.74 -2.83
CA SER A 34 14.27 6.76 -2.43
C SER A 34 12.84 6.52 -2.86
N THR A 35 12.64 5.72 -3.91
CA THR A 35 11.28 5.46 -4.37
C THR A 35 11.13 4.01 -4.75
N THR A 36 9.88 3.58 -4.90
CA THR A 36 9.59 2.19 -5.22
C THR A 36 10.07 1.89 -6.64
N ASP A 37 9.93 2.87 -7.53
CA ASP A 37 10.37 2.75 -8.91
C ASP A 37 11.86 2.49 -9.00
N ASP A 38 12.62 3.14 -8.14
CA ASP A 38 14.05 2.96 -8.16
C ASP A 38 14.38 1.59 -7.59
N CYS A 39 13.61 1.15 -6.62
CA CYS A 39 13.88 -0.17 -6.07
C CYS A 39 13.58 -1.22 -7.16
N ILE A 40 12.61 -0.92 -8.01
CA ILE A 40 12.26 -1.83 -9.09
C ILE A 40 13.40 -1.90 -10.10
N VAL A 41 14.04 -0.75 -10.34
CA VAL A 41 15.16 -0.71 -11.29
C VAL A 41 16.34 -1.51 -10.71
N LEU A 42 16.58 -1.39 -9.40
CA LEU A 42 17.67 -2.14 -8.79
C LEU A 42 17.48 -3.65 -9.00
N VAL A 43 16.28 -4.14 -8.76
CA VAL A 43 15.97 -5.55 -8.93
C VAL A 43 16.23 -5.99 -10.37
N LEU A 44 15.84 -5.17 -11.34
CA LEU A 44 16.07 -5.47 -12.74
C LEU A 44 17.57 -5.52 -13.02
N LYS A 45 18.32 -4.59 -12.46
CA LYS A 45 19.75 -4.55 -12.69
C LYS A 45 20.41 -5.78 -12.08
N GLY A 46 19.69 -6.37 -11.13
CA GLY A 46 20.18 -7.55 -10.44
C GLY A 46 20.91 -7.16 -9.19
N GLU A 47 20.91 -5.85 -8.91
CA GLU A 47 21.60 -5.32 -7.74
C GLU A 47 20.79 -5.58 -6.41
N ALA A 48 19.51 -5.97 -6.51
CA ALA A 48 18.66 -6.31 -5.36
C ALA A 48 17.82 -7.51 -5.78
N ASP A 49 17.26 -8.28 -4.83
CA ASP A 49 16.46 -9.46 -5.19
C ASP A 49 14.94 -9.36 -5.13
N ALA A 50 14.41 -8.68 -4.10
CA ALA A 50 12.97 -8.62 -3.93
C ALA A 50 12.53 -7.47 -3.04
N LEU A 51 11.21 -7.27 -3.00
CA LEU A 51 10.54 -6.27 -2.17
C LEU A 51 9.03 -6.56 -2.27
N ASN A 52 8.28 -6.13 -1.26
CA ASN A 52 6.84 -6.33 -1.21
C ASN A 52 6.19 -5.11 -1.87
N LEU A 53 5.27 -5.34 -2.82
CA LEU A 53 4.63 -4.25 -3.54
C LEU A 53 3.10 -4.18 -3.52
N ASP A 54 2.58 -2.96 -3.51
CA ASP A 54 1.13 -2.75 -3.57
C ASP A 54 0.81 -3.14 -5.02
N GLY A 55 -0.41 -3.59 -5.27
CA GLY A 55 -0.77 -3.99 -6.62
C GLY A 55 -0.46 -3.03 -7.75
N GLY A 56 -0.58 -1.72 -7.49
CA GLY A 56 -0.32 -0.73 -8.52
C GLY A 56 1.12 -0.79 -9.01
N TYR A 57 2.03 -1.09 -8.09
CA TYR A 57 3.43 -1.17 -8.46
C TYR A 57 3.73 -2.54 -9.08
N ILE A 58 2.94 -3.56 -8.74
CA ILE A 58 3.16 -4.88 -9.32
C ILE A 58 2.97 -4.78 -10.82
N TYR A 59 2.01 -3.94 -11.20
CA TYR A 59 1.69 -3.71 -12.61
C TYR A 59 2.90 -3.11 -13.35
N THR A 60 3.52 -2.10 -12.77
CA THR A 60 4.71 -1.47 -13.37
C THR A 60 5.76 -2.57 -13.47
N ALA A 61 6.03 -3.19 -12.31
CA ALA A 61 7.00 -4.26 -12.18
C ALA A 61 6.81 -5.39 -13.20
N GLY A 62 5.57 -5.79 -13.42
CA GLY A 62 5.26 -6.87 -14.33
C GLY A 62 5.59 -6.63 -15.80
N LYS A 63 5.40 -5.40 -16.27
CA LYS A 63 5.69 -5.06 -17.64
C LYS A 63 7.17 -5.15 -17.91
N CYS A 64 7.94 -5.16 -16.82
CA CYS A 64 9.38 -5.24 -16.89
C CYS A 64 9.87 -6.64 -16.58
N GLY A 65 8.94 -7.58 -16.53
CA GLY A 65 9.31 -8.96 -16.28
C GLY A 65 9.46 -9.47 -14.86
N LEU A 66 9.18 -8.66 -13.86
CA LEU A 66 9.28 -9.13 -12.48
C LEU A 66 8.05 -9.99 -12.21
N VAL A 67 8.16 -10.96 -11.31
CA VAL A 67 7.02 -11.83 -11.06
C VAL A 67 6.60 -11.89 -9.61
N PRO A 68 5.30 -12.06 -9.36
CA PRO A 68 4.83 -12.15 -7.97
C PRO A 68 5.36 -13.48 -7.43
N VAL A 69 5.78 -13.50 -6.17
CA VAL A 69 6.38 -14.68 -5.56
C VAL A 69 5.59 -15.27 -4.39
N LEU A 70 5.24 -14.43 -3.45
CA LEU A 70 4.48 -14.81 -2.26
C LEU A 70 3.61 -13.60 -1.99
N ALA A 71 2.43 -13.81 -1.40
CA ALA A 71 1.53 -12.68 -1.12
C ALA A 71 1.21 -12.47 0.35
N GLU A 72 0.93 -11.22 0.73
CA GLU A 72 0.57 -10.89 2.12
C GLU A 72 -0.79 -11.50 2.39
N ASN A 73 -0.99 -11.95 3.62
CA ASN A 73 -2.24 -12.57 4.02
C ASN A 73 -2.52 -12.14 5.44
N ARG A 74 -3.70 -11.58 5.69
CA ARG A 74 -4.02 -11.16 7.04
C ARG A 74 -4.82 -12.22 7.76
N LYS A 75 -6.13 -12.28 7.54
CA LYS A 75 -6.92 -13.27 8.27
C LYS A 75 -8.42 -13.09 8.21
N SER A 76 -9.13 -14.07 7.67
CA SER A 76 -10.57 -13.92 7.74
C SER A 76 -11.28 -15.15 8.27
N SER A 77 -11.95 -14.89 9.38
CA SER A 77 -12.79 -15.80 10.13
C SER A 77 -13.03 -17.11 9.41
N LYS A 78 -13.83 -17.08 8.34
CA LYS A 78 -14.11 -18.33 7.62
C LYS A 78 -13.11 -18.67 6.48
N HIS A 79 -12.03 -19.33 6.89
CA HIS A 79 -10.86 -19.82 6.20
C HIS A 79 -10.03 -20.07 7.44
N SER A 80 -10.46 -21.17 8.06
CA SER A 80 -10.04 -21.68 9.40
C SER A 80 -9.09 -22.84 9.75
N SER A 81 -9.05 -23.91 8.95
CA SER A 81 -8.18 -25.04 9.26
C SER A 81 -6.93 -24.79 8.49
N LEU A 82 -7.20 -24.49 7.24
CA LEU A 82 -6.21 -24.22 6.27
C LEU A 82 -5.18 -23.36 6.89
N ASP A 83 -3.94 -23.61 6.52
CA ASP A 83 -2.85 -22.88 7.04
C ASP A 83 -2.83 -21.54 6.33
N CYS A 84 -2.22 -20.56 7.00
CA CYS A 84 -2.06 -19.25 6.47
C CYS A 84 -1.25 -19.33 5.18
N VAL A 85 -0.14 -20.07 5.23
CA VAL A 85 0.74 -20.20 4.09
C VAL A 85 0.12 -20.83 2.84
N LEU A 86 -0.96 -21.59 3.00
CA LEU A 86 -1.61 -22.24 1.87
C LEU A 86 -3.03 -21.71 1.60
N ARG A 87 -3.56 -20.94 2.55
CA ARG A 87 -4.90 -20.35 2.44
C ARG A 87 -4.94 -19.34 1.30
N PRO A 88 -6.05 -19.29 0.53
CA PRO A 88 -6.05 -18.32 -0.58
C PRO A 88 -6.12 -16.92 0.02
N THR A 89 -5.72 -15.89 -0.73
CA THR A 89 -5.76 -14.53 -0.22
C THR A 89 -7.09 -13.89 -0.59
N GLU A 90 -7.53 -12.92 0.21
CA GLU A 90 -8.82 -12.29 -0.05
C GLU A 90 -8.83 -10.92 -0.70
N GLY A 91 -7.77 -10.15 -0.55
CA GLY A 91 -7.76 -8.84 -1.16
C GLY A 91 -8.35 -7.89 -0.15
N TYR A 92 -8.01 -6.62 -0.24
CA TYR A 92 -8.54 -5.70 0.72
C TYR A 92 -9.56 -4.75 0.10
N LEU A 93 -10.35 -4.10 0.95
CA LEU A 93 -11.37 -3.18 0.48
C LEU A 93 -10.84 -1.75 0.34
N ALA A 94 -11.00 -1.18 -0.83
CA ALA A 94 -10.55 0.19 -1.06
C ALA A 94 -11.75 1.06 -0.73
N VAL A 95 -11.60 2.00 0.20
CA VAL A 95 -12.71 2.84 0.59
C VAL A 95 -12.34 4.32 0.57
N ALA A 96 -13.35 5.19 0.64
CA ALA A 96 -13.12 6.64 0.69
C ALA A 96 -13.69 7.04 2.03
N VAL A 97 -12.89 7.69 2.87
CA VAL A 97 -13.30 8.08 4.21
C VAL A 97 -13.43 9.60 4.37
N VAL A 98 -14.41 10.01 5.18
CA VAL A 98 -14.62 11.43 5.46
C VAL A 98 -14.94 11.63 6.94
N LYS A 99 -14.84 12.86 7.42
CA LYS A 99 -15.13 13.15 8.81
C LYS A 99 -16.64 13.19 8.91
N LYS A 100 -17.21 12.59 9.94
CA LYS A 100 -18.66 12.62 10.08
C LYS A 100 -19.18 14.07 10.11
N ALA A 101 -18.51 14.91 10.89
CA ALA A 101 -18.88 16.31 11.04
C ALA A 101 -18.94 17.10 9.73
N ASN A 102 -18.32 16.56 8.69
CA ASN A 102 -18.34 17.19 7.37
C ASN A 102 -19.68 16.75 6.77
N GLU A 103 -20.77 17.15 7.43
CA GLU A 103 -22.11 16.78 7.01
C GLU A 103 -22.31 17.14 5.53
N GLY A 104 -23.15 16.36 4.86
CA GLY A 104 -23.42 16.63 3.46
C GLY A 104 -22.32 16.45 2.41
N LEU A 105 -21.24 15.73 2.70
CA LEU A 105 -20.20 15.51 1.71
C LEU A 105 -20.33 14.09 1.17
N THR A 106 -20.66 13.97 -0.11
CA THR A 106 -20.83 12.65 -0.71
C THR A 106 -19.90 12.42 -1.90
N TRP A 107 -19.95 11.22 -2.46
CA TRP A 107 -19.13 10.90 -3.60
C TRP A 107 -19.41 11.84 -4.76
N ASN A 108 -20.63 12.39 -4.83
CA ASN A 108 -20.98 13.28 -5.92
C ASN A 108 -20.72 14.76 -5.67
N SER A 109 -20.20 15.12 -4.50
CA SER A 109 -19.91 16.52 -4.27
C SER A 109 -18.44 16.59 -3.95
N LEU A 110 -17.67 15.70 -4.57
CA LEU A 110 -16.23 15.64 -4.33
C LEU A 110 -15.46 16.72 -5.09
N LYS A 111 -15.95 17.14 -6.24
CA LYS A 111 -15.20 18.13 -6.99
C LYS A 111 -14.81 19.34 -6.13
N ASP A 112 -13.57 19.79 -6.33
CA ASP A 112 -13.04 20.95 -5.62
C ASP A 112 -12.79 20.76 -4.13
N LYS A 113 -12.89 19.53 -3.66
CA LYS A 113 -12.64 19.28 -2.25
C LYS A 113 -11.16 18.96 -2.06
N LYS A 114 -10.72 18.76 -0.83
CA LYS A 114 -9.31 18.47 -0.57
C LYS A 114 -9.11 16.97 -0.27
N SER A 115 -8.20 16.34 -1.01
CA SER A 115 -7.94 14.90 -0.88
C SER A 115 -6.58 14.43 -0.39
N CYS A 116 -6.60 13.25 0.23
CA CYS A 116 -5.41 12.60 0.76
C CYS A 116 -5.24 11.24 0.08
N HIS A 117 -4.12 11.03 -0.60
CA HIS A 117 -3.86 9.78 -1.32
C HIS A 117 -2.64 9.07 -0.74
N THR A 118 -2.66 7.74 -0.79
CA THR A 118 -1.53 6.98 -0.28
C THR A 118 -0.24 7.37 -1.02
N ALA A 119 -0.34 7.47 -2.34
CA ALA A 119 0.78 7.81 -3.19
C ALA A 119 0.37 7.48 -4.61
N VAL A 120 0.85 8.27 -5.57
CA VAL A 120 0.52 8.04 -6.97
C VAL A 120 0.87 6.61 -7.41
N ASP A 121 0.05 6.07 -8.31
CA ASP A 121 0.20 4.71 -8.86
C ASP A 121 -0.17 3.55 -7.95
N ARG A 122 -0.67 3.86 -6.76
CA ARG A 122 -1.06 2.80 -5.83
C ARG A 122 -2.56 2.49 -6.00
N THR A 123 -2.92 1.26 -5.67
CA THR A 123 -4.28 0.80 -5.82
C THR A 123 -5.40 1.60 -5.13
N ALA A 124 -5.43 1.57 -3.80
CA ALA A 124 -6.45 2.27 -3.04
C ALA A 124 -6.31 3.79 -3.02
N GLY A 125 -5.06 4.25 -3.02
CA GLY A 125 -4.85 5.69 -2.92
C GLY A 125 -4.91 6.43 -4.22
N TRP A 126 -4.72 5.74 -5.34
CA TRP A 126 -4.72 6.41 -6.62
C TRP A 126 -5.48 5.75 -7.76
N ASN A 127 -5.00 4.61 -8.26
CA ASN A 127 -5.64 3.94 -9.39
C ASN A 127 -7.11 3.64 -9.31
N ILE A 128 -7.61 3.26 -8.14
CA ILE A 128 -9.02 2.97 -8.05
C ILE A 128 -9.85 4.24 -8.05
N PRO A 129 -9.58 5.18 -7.12
CA PRO A 129 -10.37 6.41 -7.09
C PRO A 129 -10.26 7.33 -8.31
N MET A 130 -9.06 7.50 -8.87
CA MET A 130 -8.90 8.36 -10.04
C MET A 130 -9.46 7.67 -11.27
N GLY A 131 -9.40 6.34 -11.26
CA GLY A 131 -9.94 5.59 -12.38
C GLY A 131 -11.41 5.89 -12.51
N LEU A 132 -12.12 5.87 -11.39
CA LEU A 132 -13.55 6.14 -11.39
C LEU A 132 -13.83 7.60 -11.76
N ILE A 133 -12.99 8.50 -11.26
CA ILE A 133 -13.17 9.92 -11.54
C ILE A 133 -12.97 10.29 -13.01
N VAL A 134 -11.95 9.72 -13.65
CA VAL A 134 -11.71 10.02 -15.08
C VAL A 134 -12.95 9.51 -15.77
N ASN A 135 -13.30 8.32 -15.37
CA ASN A 135 -14.46 7.70 -15.86
C ASN A 135 -15.75 8.40 -15.81
N GLN A 136 -16.02 8.87 -14.61
CA GLN A 136 -17.23 9.58 -14.37
C GLN A 136 -17.23 10.95 -15.06
N THR A 137 -16.11 11.68 -14.99
CA THR A 137 -16.07 13.00 -15.61
C THR A 137 -15.78 13.09 -17.10
N GLY A 138 -15.40 11.98 -17.73
CA GLY A 138 -15.12 11.99 -19.14
C GLY A 138 -13.91 12.85 -19.44
N SER A 139 -13.17 13.18 -18.40
CA SER A 139 -11.98 14.01 -18.54
C SER A 139 -10.72 13.37 -17.97
N CYS A 140 -9.61 13.53 -18.70
CA CYS A 140 -8.32 13.01 -18.30
C CYS A 140 -7.62 14.03 -17.40
N ALA A 141 -8.28 15.15 -17.16
CA ALA A 141 -7.69 16.21 -16.35
C ALA A 141 -7.80 16.01 -14.84
N PHE A 142 -7.44 14.83 -14.36
CA PHE A 142 -7.54 14.55 -12.92
C PHE A 142 -6.69 15.45 -12.04
N ASP A 143 -5.86 16.30 -12.64
CA ASP A 143 -5.02 17.20 -11.85
C ASP A 143 -5.80 18.46 -11.48
N GLU A 144 -7.00 18.59 -12.04
CA GLU A 144 -7.87 19.74 -11.79
C GLU A 144 -9.18 19.38 -11.08
N PHE A 145 -9.31 18.15 -10.59
CA PHE A 145 -10.54 17.73 -9.92
C PHE A 145 -10.62 18.23 -8.48
N PHE A 146 -9.52 18.10 -7.75
CA PHE A 146 -9.48 18.55 -6.39
C PHE A 146 -8.77 19.89 -6.34
N SER A 147 -9.22 20.77 -5.44
CA SER A 147 -8.55 22.05 -5.34
C SER A 147 -7.13 21.76 -4.86
N GLN A 148 -7.01 20.93 -3.83
CA GLN A 148 -5.70 20.58 -3.28
C GLN A 148 -5.57 19.14 -2.82
N SER A 149 -4.36 18.59 -2.93
CA SER A 149 -4.13 17.20 -2.53
C SER A 149 -2.74 16.97 -1.98
N CYS A 150 -2.56 15.78 -1.41
CA CYS A 150 -1.27 15.30 -0.99
C CYS A 150 -1.29 13.94 -1.64
N ALA A 151 -0.62 13.85 -2.78
CA ALA A 151 -0.51 12.64 -3.59
C ALA A 151 0.98 12.40 -3.77
N PRO A 152 1.63 11.78 -2.77
CA PRO A 152 3.06 11.51 -2.86
C PRO A 152 3.44 10.94 -4.22
N GLY A 153 4.40 11.57 -4.87
CA GLY A 153 4.82 11.11 -6.17
C GLY A 153 4.54 12.10 -7.28
N ALA A 154 3.66 13.07 -7.03
CA ALA A 154 3.33 14.07 -8.06
C ALA A 154 4.35 15.20 -8.04
N ASP A 155 4.24 16.12 -9.00
CA ASP A 155 5.15 17.24 -9.09
C ASP A 155 5.09 18.04 -7.79
N PRO A 156 6.25 18.15 -7.10
CA PRO A 156 6.31 18.89 -5.84
C PRO A 156 5.66 20.29 -5.93
N LYS A 157 5.60 20.87 -7.13
CA LYS A 157 5.01 22.21 -7.26
C LYS A 157 3.57 22.22 -7.74
N SER A 158 2.92 21.07 -7.86
CA SER A 158 1.54 21.12 -8.32
C SER A 158 0.61 21.05 -7.13
N ARG A 159 -0.66 21.34 -7.36
CA ARG A 159 -1.68 21.31 -6.32
C ARG A 159 -1.83 19.91 -5.73
N LEU A 160 -1.44 18.91 -6.50
CA LEU A 160 -1.52 17.53 -6.05
C LEU A 160 -0.57 17.21 -4.89
N CYS A 161 0.36 18.12 -4.62
CA CYS A 161 1.33 17.96 -3.53
C CYS A 161 1.18 19.11 -2.54
N ALA A 162 0.21 19.97 -2.77
CA ALA A 162 0.00 21.13 -1.91
C ALA A 162 -0.22 20.80 -0.44
N LEU A 163 -0.96 19.72 -0.17
CA LEU A 163 -1.24 19.34 1.21
C LEU A 163 -0.19 18.44 1.87
N CYS A 164 0.90 18.12 1.17
CA CYS A 164 1.95 17.29 1.75
C CYS A 164 2.87 18.10 2.67
N ALA A 165 3.46 17.45 3.67
CA ALA A 165 4.32 18.13 4.64
C ALA A 165 5.82 17.86 4.66
N GLY A 166 6.28 16.76 4.09
CA GLY A 166 7.70 16.47 4.13
C GLY A 166 8.04 15.90 5.49
N ASP A 167 9.33 15.86 5.82
CA ASP A 167 9.81 15.31 7.09
C ASP A 167 9.79 16.27 8.28
N ASP A 168 10.41 15.85 9.37
CA ASP A 168 10.54 16.65 10.60
C ASP A 168 10.77 18.12 10.31
N GLN A 169 11.65 18.36 9.34
CA GLN A 169 12.07 19.72 8.96
C GLN A 169 11.52 20.36 7.71
N GLY A 170 10.51 19.80 7.06
CA GLY A 170 10.02 20.43 5.86
C GLY A 170 10.68 19.95 4.58
N LEU A 171 11.72 19.14 4.70
CA LEU A 171 12.41 18.63 3.52
C LEU A 171 11.66 17.43 2.97
N ASP A 172 11.95 17.07 1.72
CA ASP A 172 11.33 15.93 1.06
C ASP A 172 9.83 15.96 0.84
N LYS A 173 9.28 17.16 0.73
CA LYS A 173 7.84 17.35 0.49
C LYS A 173 7.34 16.54 -0.70
N CYS A 174 6.35 15.68 -0.45
CA CYS A 174 5.72 14.84 -1.47
C CYS A 174 6.50 13.65 -1.99
N VAL A 175 7.56 13.21 -1.29
CA VAL A 175 8.30 12.04 -1.76
C VAL A 175 7.51 10.81 -1.43
N PRO A 176 7.53 9.83 -2.35
CA PRO A 176 6.78 8.60 -2.12
C PRO A 176 7.53 7.61 -1.26
N ASN A 177 7.79 8.02 -0.03
CA ASN A 177 8.40 7.15 0.94
C ASN A 177 7.98 7.72 2.27
N SER A 178 8.16 6.97 3.34
CA SER A 178 7.73 7.39 4.67
C SER A 178 8.33 8.65 5.28
N LYS A 179 9.23 9.32 4.58
CA LYS A 179 9.80 10.54 5.13
C LYS A 179 8.72 11.61 5.01
N GLU A 180 7.80 11.40 4.06
CA GLU A 180 6.68 12.31 3.86
C GLU A 180 5.67 11.97 4.94
N LYS A 181 5.30 12.97 5.72
CA LYS A 181 4.35 12.80 6.82
C LYS A 181 3.03 12.13 6.40
N TYR A 182 2.55 12.40 5.17
CA TYR A 182 1.29 11.82 4.72
C TYR A 182 1.41 10.73 3.65
N TYR A 183 2.49 9.97 3.69
CA TYR A 183 2.70 8.89 2.75
C TYR A 183 1.97 7.62 3.20
N GLY A 184 1.59 6.80 2.23
CA GLY A 184 0.96 5.53 2.53
C GLY A 184 -0.43 5.52 3.15
N TYR A 185 -0.88 4.33 3.53
CA TYR A 185 -2.21 4.16 4.09
C TYR A 185 -2.32 5.02 5.35
N THR A 186 -1.27 4.98 6.19
CA THR A 186 -1.23 5.71 7.45
C THR A 186 -1.10 7.24 7.31
N GLY A 187 -0.19 7.70 6.45
CA GLY A 187 -0.01 9.13 6.26
C GLY A 187 -1.27 9.76 5.71
N ALA A 188 -1.89 9.06 4.76
CA ALA A 188 -3.12 9.52 4.15
C ALA A 188 -4.29 9.69 5.14
N PHE A 189 -4.53 8.70 5.99
CA PHE A 189 -5.62 8.78 6.96
C PHE A 189 -5.28 9.86 7.98
N ARG A 190 -3.98 10.10 8.17
CA ARG A 190 -3.55 11.12 9.12
C ARG A 190 -3.88 12.51 8.57
N CYS A 191 -3.68 12.65 7.27
CA CYS A 191 -3.94 13.87 6.52
C CYS A 191 -5.41 14.29 6.70
N LEU A 192 -6.29 13.31 6.82
CA LEU A 192 -7.72 13.55 7.03
C LEU A 192 -8.04 13.73 8.52
N ALA A 193 -7.40 12.93 9.38
CA ALA A 193 -7.66 13.01 10.81
C ALA A 193 -7.33 14.39 11.38
N GLU A 194 -6.30 15.02 10.82
CA GLU A 194 -5.90 16.34 11.26
C GLU A 194 -6.63 17.35 10.38
N ASP A 195 -7.65 16.88 9.67
CA ASP A 195 -8.45 17.74 8.81
C ASP A 195 -7.62 18.53 7.84
N VAL A 196 -6.54 17.97 7.34
CA VAL A 196 -5.76 18.70 6.36
C VAL A 196 -6.52 18.51 5.06
N GLY A 197 -7.21 17.39 4.96
CA GLY A 197 -8.01 17.09 3.78
C GLY A 197 -9.43 16.67 4.14
N ASP A 198 -10.32 16.71 3.16
CA ASP A 198 -11.73 16.35 3.37
C ASP A 198 -11.99 14.86 3.16
N VAL A 199 -11.14 14.23 2.37
CA VAL A 199 -11.30 12.82 2.08
C VAL A 199 -9.93 12.13 1.93
N ALA A 200 -9.89 10.86 2.32
CA ALA A 200 -8.68 10.06 2.24
C ALA A 200 -9.05 8.78 1.50
N PHE A 201 -8.17 8.35 0.62
CA PHE A 201 -8.38 7.14 -0.16
C PHE A 201 -7.39 6.10 0.34
N VAL A 202 -7.91 5.22 1.18
CA VAL A 202 -7.14 4.18 1.82
C VAL A 202 -7.92 2.89 1.73
N LYS A 203 -7.63 1.97 2.64
CA LYS A 203 -8.35 0.71 2.66
C LYS A 203 -9.11 0.62 3.94
N ASN A 204 -10.08 -0.26 3.96
CA ASN A 204 -10.80 -0.20 5.16
C ASN A 204 -10.01 -0.62 6.48
N ASP A 205 -9.01 -1.50 6.40
CA ASP A 205 -8.28 -1.91 7.61
C ASP A 205 -7.65 -0.69 8.34
N THR A 206 -7.29 0.33 7.58
CA THR A 206 -6.65 1.53 8.13
C THR A 206 -7.47 2.32 9.16
N VAL A 207 -8.77 2.42 8.96
CA VAL A 207 -9.64 3.15 9.89
C VAL A 207 -9.72 2.44 11.24
N TRP A 208 -9.83 1.12 11.18
CA TRP A 208 -9.93 0.30 12.37
C TRP A 208 -8.66 0.24 13.19
N GLU A 209 -7.52 0.26 12.50
CA GLU A 209 -6.23 0.16 13.16
C GLU A 209 -5.70 1.48 13.72
N ASN A 210 -6.29 2.61 13.33
CA ASN A 210 -5.84 3.90 13.84
C ASN A 210 -6.96 4.68 14.49
N THR A 211 -7.92 3.96 15.07
CA THR A 211 -9.03 4.56 15.78
C THR A 211 -9.37 3.72 16.99
N ASN A 212 -10.06 4.35 17.95
CA ASN A 212 -10.51 3.70 19.17
C ASN A 212 -9.39 3.01 19.96
N GLY A 213 -8.32 3.74 20.23
CA GLY A 213 -7.21 3.20 21.01
C GLY A 213 -6.29 2.16 20.41
N GLU A 214 -6.40 1.89 19.11
CA GLU A 214 -5.55 0.89 18.46
C GLU A 214 -4.17 1.39 18.03
N SER A 215 -4.05 2.70 17.78
CA SER A 215 -2.78 3.24 17.28
C SER A 215 -1.65 3.68 18.19
N THR A 216 -1.97 4.26 19.36
CA THR A 216 -0.93 4.73 20.28
C THR A 216 -0.24 6.02 19.81
N ALA A 217 -0.16 6.22 18.50
CA ALA A 217 0.48 7.41 17.96
C ALA A 217 -0.28 8.63 18.46
N ASP A 218 0.45 9.71 18.75
CA ASP A 218 -0.16 10.93 19.28
C ASP A 218 -1.32 11.49 18.48
N TRP A 219 -1.25 11.44 17.14
CA TRP A 219 -2.34 11.95 16.30
C TRP A 219 -3.57 11.05 16.21
N ALA A 220 -3.40 9.76 16.52
CA ALA A 220 -4.50 8.81 16.46
C ALA A 220 -5.07 8.46 17.85
N LYS A 221 -4.40 8.98 18.87
CA LYS A 221 -4.76 8.80 20.28
C LYS A 221 -6.25 8.94 20.59
N ASN A 222 -6.83 10.08 20.20
CA ASN A 222 -8.24 10.32 20.49
C ASN A 222 -9.27 10.03 19.40
N LEU A 223 -8.82 9.47 18.29
CA LEU A 223 -9.72 9.17 17.20
C LEU A 223 -10.72 8.08 17.61
N LYS A 224 -11.95 8.29 17.16
CA LYS A 224 -13.09 7.43 17.47
C LYS A 224 -13.70 6.99 16.13
N ARG A 225 -14.08 5.72 16.02
CA ARG A 225 -14.66 5.23 14.77
C ARG A 225 -15.95 5.96 14.37
N GLU A 226 -16.85 6.23 15.33
CA GLU A 226 -18.09 6.90 14.96
C GLU A 226 -17.93 8.27 14.32
N ASP A 227 -16.74 8.85 14.40
CA ASP A 227 -16.54 10.17 13.81
C ASP A 227 -16.14 10.10 12.35
N PHE A 228 -16.18 8.92 11.76
CA PHE A 228 -15.83 8.78 10.35
C PHE A 228 -16.98 8.11 9.58
N ARG A 229 -16.98 8.32 8.26
CA ARG A 229 -17.99 7.75 7.39
C ARG A 229 -17.30 7.30 6.13
N LEU A 230 -17.90 6.34 5.43
CA LEU A 230 -17.38 5.85 4.18
C LEU A 230 -18.28 6.44 3.11
N LEU A 231 -17.70 6.80 1.98
CA LEU A 231 -18.49 7.34 0.88
C LEU A 231 -18.71 6.18 -0.08
N CYS A 232 -19.96 5.89 -0.42
CA CYS A 232 -20.24 4.80 -1.35
C CYS A 232 -20.45 5.41 -2.72
N LEU A 233 -20.40 4.57 -3.74
CA LEU A 233 -20.59 5.05 -5.10
C LEU A 233 -22.04 5.44 -5.36
N ASP A 234 -22.99 4.96 -4.55
CA ASP A 234 -24.38 5.34 -4.80
C ASP A 234 -24.79 6.67 -4.19
N GLY A 235 -23.80 7.52 -3.89
CA GLY A 235 -24.07 8.84 -3.33
C GLY A 235 -24.42 8.87 -1.87
N THR A 236 -24.41 7.70 -1.24
CA THR A 236 -24.73 7.52 0.17
C THR A 236 -23.51 7.62 1.13
N ARG A 237 -23.77 7.64 2.45
CA ARG A 237 -22.72 7.73 3.48
C ARG A 237 -22.91 6.71 4.61
N LYS A 238 -21.97 5.78 4.74
CA LYS A 238 -22.11 4.75 5.76
C LYS A 238 -21.08 4.71 6.87
N PRO A 239 -21.44 4.08 8.00
CA PRO A 239 -20.54 3.92 9.14
C PRO A 239 -19.40 3.03 8.65
N VAL A 240 -18.24 3.09 9.28
CA VAL A 240 -17.15 2.27 8.78
C VAL A 240 -17.38 0.78 9.02
N THR A 241 -18.43 0.45 9.77
CA THR A 241 -18.74 -0.94 10.05
C THR A 241 -19.30 -1.61 8.80
N GLU A 242 -19.90 -0.82 7.91
CA GLU A 242 -20.49 -1.34 6.69
C GLU A 242 -19.62 -1.34 5.43
N ALA A 243 -18.32 -1.59 5.54
CA ALA A 243 -17.46 -1.57 4.34
C ALA A 243 -17.77 -2.64 3.27
N GLN A 244 -18.25 -3.80 3.70
CA GLN A 244 -18.59 -4.88 2.78
C GLN A 244 -19.51 -4.37 1.67
N SER A 245 -20.34 -3.38 1.98
CA SER A 245 -21.29 -2.86 1.01
C SER A 245 -21.08 -1.41 0.55
N CYS A 246 -20.02 -0.76 1.03
CA CYS A 246 -19.73 0.62 0.66
C CYS A 246 -18.24 0.82 0.41
N HIS A 247 -17.71 0.10 -0.58
CA HIS A 247 -16.30 0.21 -0.94
C HIS A 247 -16.22 0.58 -2.40
N LEU A 248 -15.05 1.00 -2.84
CA LEU A 248 -14.89 1.38 -4.23
C LEU A 248 -14.48 0.17 -5.06
N ALA A 249 -13.86 -0.81 -4.40
CA ALA A 249 -13.41 -2.02 -5.09
C ALA A 249 -12.62 -2.87 -4.11
N VAL A 250 -12.35 -4.12 -4.49
CA VAL A 250 -11.53 -4.98 -3.65
C VAL A 250 -10.20 -5.09 -4.40
N ALA A 251 -9.12 -4.84 -3.68
CA ALA A 251 -7.79 -4.84 -4.25
C ALA A 251 -6.95 -6.09 -4.00
N PRO A 252 -6.06 -6.42 -4.95
CA PRO A 252 -5.22 -7.60 -4.72
C PRO A 252 -4.17 -7.27 -3.65
N ASN A 253 -3.86 -8.26 -2.81
CA ASN A 253 -2.89 -8.04 -1.74
C ASN A 253 -1.52 -7.64 -2.25
N HIS A 254 -0.79 -6.96 -1.39
CA HIS A 254 0.56 -6.56 -1.74
C HIS A 254 1.31 -7.85 -1.84
N ALA A 255 2.33 -7.89 -2.68
CA ALA A 255 3.07 -9.13 -2.82
C ALA A 255 4.55 -8.89 -3.03
N VAL A 256 5.33 -9.89 -2.69
CA VAL A 256 6.77 -9.82 -2.88
C VAL A 256 7.00 -10.19 -4.33
N VAL A 257 7.87 -9.44 -5.02
CA VAL A 257 8.19 -9.76 -6.41
C VAL A 257 9.70 -9.89 -6.51
N SER A 258 10.14 -10.41 -7.65
CA SER A 258 11.57 -10.62 -7.91
C SER A 258 11.66 -10.98 -9.37
N ARG A 259 12.88 -11.07 -9.88
CA ARG A 259 13.09 -11.46 -11.26
C ARG A 259 12.77 -12.94 -11.30
N SER A 260 12.20 -13.41 -12.40
CA SER A 260 11.84 -14.81 -12.56
C SER A 260 12.99 -15.78 -12.34
N ASP A 261 14.17 -15.40 -12.82
CA ASP A 261 15.34 -16.26 -12.68
C ASP A 261 15.82 -16.28 -11.24
N ARG A 262 15.13 -15.54 -10.38
CA ARG A 262 15.48 -15.46 -8.96
C ARG A 262 14.36 -15.89 -8.02
N ALA A 263 13.16 -15.98 -8.57
CA ALA A 263 11.97 -16.35 -7.82
C ALA A 263 11.99 -17.56 -6.88
N ALA A 264 12.48 -18.70 -7.32
CA ALA A 264 12.49 -19.89 -6.45
C ALA A 264 13.34 -19.69 -5.23
N HIS A 265 14.50 -19.12 -5.44
CA HIS A 265 15.45 -18.88 -4.39
C HIS A 265 14.87 -17.87 -3.41
N VAL A 266 14.28 -16.81 -3.95
CA VAL A 266 13.70 -15.81 -3.10
C VAL A 266 12.59 -16.44 -2.28
N GLU A 267 11.77 -17.25 -2.93
CA GLU A 267 10.66 -17.91 -2.26
C GLU A 267 11.08 -18.75 -1.06
N GLN A 268 12.11 -19.59 -1.27
CA GLN A 268 12.63 -20.47 -0.22
C GLN A 268 13.22 -19.75 1.00
N VAL A 269 14.04 -18.73 0.78
CA VAL A 269 14.61 -18.00 1.90
C VAL A 269 13.52 -17.30 2.67
N LEU A 270 12.50 -16.84 1.98
CA LEU A 270 11.43 -16.13 2.65
C LEU A 270 10.57 -17.00 3.53
N LEU A 271 10.17 -18.17 3.03
CA LEU A 271 9.36 -19.07 3.84
C LEU A 271 10.13 -19.42 5.13
N HIS A 272 11.45 -19.57 5.02
CA HIS A 272 12.33 -19.88 6.16
C HIS A 272 12.39 -18.69 7.11
N GLN A 273 12.78 -17.55 6.57
CA GLN A 273 12.88 -16.32 7.35
C GLN A 273 11.59 -16.03 8.11
N GLN A 274 10.47 -16.32 7.44
CA GLN A 274 9.13 -16.13 7.99
C GLN A 274 8.89 -17.09 9.16
N ALA A 275 9.34 -18.33 8.99
CA ALA A 275 9.20 -19.34 10.04
C ALA A 275 9.88 -18.85 11.31
N LEU A 276 10.88 -17.99 11.15
CA LEU A 276 11.66 -17.45 12.27
C LEU A 276 11.20 -16.07 12.80
N PHE A 277 10.67 -15.21 11.93
CA PHE A 277 10.27 -13.86 12.39
C PHE A 277 8.83 -13.45 12.06
N GLY A 278 7.99 -14.42 11.71
CA GLY A 278 6.61 -14.10 11.38
C GLY A 278 5.73 -14.07 12.62
N LYS A 279 4.43 -14.21 12.42
CA LYS A 279 3.45 -14.20 13.50
C LYS A 279 3.75 -15.18 14.63
N ASN A 280 4.24 -16.39 14.32
CA ASN A 280 4.53 -17.37 15.38
C ASN A 280 5.95 -17.90 15.35
N GLY A 281 6.86 -17.14 14.79
CA GLY A 281 8.24 -17.59 14.70
C GLY A 281 9.01 -17.93 15.97
N LYS A 282 10.01 -18.79 15.81
CA LYS A 282 10.89 -19.21 16.89
C LYS A 282 11.36 -17.93 17.60
N ASN A 283 11.77 -16.95 16.81
CA ASN A 283 12.29 -15.69 17.34
C ASN A 283 11.44 -14.43 17.29
N CYS A 284 10.19 -14.45 16.82
CA CYS A 284 9.52 -13.17 16.73
C CYS A 284 9.42 -12.29 17.98
N PRO A 285 8.26 -12.24 18.64
CA PRO A 285 8.21 -11.34 19.79
C PRO A 285 9.46 -11.10 20.64
N ASP A 286 10.22 -12.15 20.95
CA ASP A 286 11.41 -12.04 21.81
C ASP A 286 12.60 -11.28 21.19
N LYS A 287 12.96 -11.55 19.94
CA LYS A 287 14.07 -10.82 19.34
C LYS A 287 13.65 -9.92 18.18
N PHE A 288 12.96 -10.47 17.19
CA PHE A 288 12.57 -9.68 16.03
C PHE A 288 11.30 -10.17 15.32
N CYS A 289 10.48 -9.23 14.85
CA CYS A 289 9.27 -9.60 14.13
C CYS A 289 9.16 -8.88 12.79
N LEU A 290 9.27 -9.63 11.71
CA LEU A 290 9.19 -9.08 10.38
C LEU A 290 7.93 -8.27 10.12
N PHE A 291 6.81 -8.69 10.69
CA PHE A 291 5.56 -8.01 10.44
C PHE A 291 5.13 -6.88 11.38
N LYS A 292 6.01 -6.45 12.26
CA LYS A 292 5.70 -5.35 13.17
C LYS A 292 6.61 -4.16 12.92
N SER A 293 6.11 -2.97 13.21
CA SER A 293 6.84 -1.73 13.04
C SER A 293 6.08 -0.58 13.69
N GLU A 294 5.38 -0.86 14.77
CA GLU A 294 4.61 0.13 15.53
C GLU A 294 3.91 1.21 14.68
N THR A 295 2.84 0.78 14.05
CA THR A 295 2.01 1.61 13.15
C THR A 295 2.68 2.32 11.94
N LYS A 296 3.51 1.61 11.16
CA LYS A 296 4.15 2.28 10.05
C LYS A 296 4.15 1.47 8.76
N ASN A 297 3.86 0.18 8.88
CA ASN A 297 3.81 -0.66 7.70
C ASN A 297 5.15 -0.58 6.98
N LEU A 298 6.24 -0.88 7.69
CA LEU A 298 7.57 -0.82 7.07
C LEU A 298 7.97 -2.15 6.46
N LEU A 299 8.20 -2.16 5.14
CA LEU A 299 8.58 -3.36 4.38
C LEU A 299 7.36 -4.23 4.15
N PHE A 300 6.52 -4.34 5.18
CA PHE A 300 5.30 -5.15 5.12
C PHE A 300 4.24 -4.43 5.92
N ASN A 301 2.98 -4.65 5.58
CA ASN A 301 1.90 -4.03 6.34
C ASN A 301 1.95 -4.68 7.69
N ASP A 302 1.62 -3.92 8.73
CA ASP A 302 1.65 -4.46 10.07
C ASP A 302 0.57 -5.50 10.38
N ASN A 303 -0.42 -5.66 9.51
CA ASN A 303 -1.46 -6.66 9.79
C ASN A 303 -1.26 -7.98 9.04
N THR A 304 -0.09 -8.15 8.43
CA THR A 304 0.21 -9.37 7.72
C THR A 304 0.32 -10.55 8.71
N GLU A 305 -0.44 -11.63 8.47
CA GLU A 305 -0.38 -12.81 9.35
C GLU A 305 0.80 -13.65 8.89
N CYS A 306 0.93 -13.80 7.58
CA CYS A 306 2.00 -14.56 6.97
C CYS A 306 2.03 -14.26 5.47
N LEU A 307 3.12 -14.66 4.83
CA LEU A 307 3.28 -14.50 3.40
C LEU A 307 2.82 -15.87 2.90
N ALA A 308 1.97 -15.89 1.87
CA ALA A 308 1.42 -17.13 1.36
C ALA A 308 1.78 -17.55 -0.07
N LYS A 309 1.89 -18.86 -0.30
CA LYS A 309 2.21 -19.41 -1.63
C LYS A 309 1.05 -19.05 -2.55
N LEU A 310 1.31 -18.86 -3.83
CA LEU A 310 0.25 -18.43 -4.72
C LEU A 310 -0.69 -19.46 -5.33
N GLY A 311 -0.18 -20.62 -5.72
CA GLY A 311 -1.07 -21.62 -6.29
C GLY A 311 -1.54 -21.25 -7.67
N GLY A 312 -1.09 -22.01 -8.65
CA GLY A 312 -1.44 -21.73 -10.03
C GLY A 312 -0.37 -20.80 -10.55
N ARG A 313 0.85 -20.93 -9.99
CA ARG A 313 2.01 -20.12 -10.34
C ARG A 313 1.57 -19.04 -11.32
N PRO A 314 0.83 -18.03 -10.82
CA PRO A 314 0.24 -16.97 -11.61
C PRO A 314 1.20 -15.95 -12.18
N THR A 315 0.88 -15.46 -13.37
CA THR A 315 1.67 -14.39 -13.96
C THR A 315 1.16 -13.19 -13.17
N TYR A 316 1.62 -12.01 -13.52
CA TYR A 316 1.19 -10.83 -12.79
C TYR A 316 -0.20 -10.36 -13.23
N GLU A 317 -0.62 -10.69 -14.45
CA GLU A 317 -1.96 -10.29 -14.90
C GLU A 317 -2.92 -11.23 -14.22
N GLU A 318 -2.52 -12.49 -14.13
CA GLU A 318 -3.34 -13.50 -13.49
C GLU A 318 -3.42 -13.12 -12.02
N TYR A 319 -2.34 -12.58 -11.45
CA TYR A 319 -2.40 -12.18 -10.02
C TYR A 319 -3.26 -10.95 -9.77
N LEU A 320 -3.14 -9.96 -10.65
CA LEU A 320 -3.90 -8.74 -10.50
C LEU A 320 -5.37 -8.92 -10.93
N GLY A 321 -5.62 -9.83 -11.88
CA GLY A 321 -6.96 -10.07 -12.37
C GLY A 321 -7.23 -9.15 -13.54
N THR A 322 -7.96 -9.62 -14.55
CA THR A 322 -8.23 -8.79 -15.73
C THR A 322 -9.00 -7.52 -15.38
N GLU A 323 -9.86 -7.62 -14.37
CA GLU A 323 -10.68 -6.52 -13.89
C GLU A 323 -9.78 -5.33 -13.59
N TYR A 324 -8.82 -5.55 -12.70
CA TYR A 324 -7.89 -4.49 -12.30
C TYR A 324 -6.86 -4.14 -13.36
N VAL A 325 -6.41 -5.13 -14.14
CA VAL A 325 -5.44 -4.82 -15.17
C VAL A 325 -6.05 -3.81 -16.12
N THR A 326 -7.32 -3.97 -16.43
CA THR A 326 -7.95 -3.02 -17.35
C THR A 326 -8.24 -1.66 -16.72
N ALA A 327 -8.46 -1.63 -15.41
CA ALA A 327 -8.71 -0.35 -14.74
C ALA A 327 -7.44 0.49 -14.88
N ILE A 328 -6.29 -0.11 -14.60
CA ILE A 328 -5.01 0.58 -14.72
C ILE A 328 -4.67 0.97 -16.14
N ALA A 329 -5.02 0.10 -17.09
CA ALA A 329 -4.73 0.38 -18.48
C ALA A 329 -5.49 1.63 -18.94
N ASN A 330 -6.79 1.68 -18.65
CA ASN A 330 -7.59 2.82 -19.06
C ASN A 330 -7.15 4.14 -18.44
N LEU A 331 -6.72 4.09 -17.19
CA LEU A 331 -6.27 5.29 -16.50
C LEU A 331 -4.92 5.76 -17.02
N LYS A 332 -4.07 4.80 -17.39
CA LYS A 332 -2.73 5.08 -17.90
C LYS A 332 -2.73 5.73 -19.27
N LYS A 333 -3.89 5.68 -19.93
CA LYS A 333 -4.01 6.29 -21.26
C LYS A 333 -3.94 7.80 -21.15
N CYS A 334 -4.43 8.31 -20.01
CA CYS A 334 -4.44 9.73 -19.74
C CYS A 334 -3.06 10.36 -19.54
N SER A 335 -2.13 9.61 -18.96
CA SER A 335 -0.80 10.15 -18.71
C SER A 335 0.18 9.89 -19.86
N LEU A 340 1.12 0.67 -27.06
CA LEU A 340 0.61 0.74 -25.70
C LEU A 340 1.02 -0.47 -24.86
N GLU A 341 2.32 -0.58 -24.56
CA GLU A 341 2.81 -1.69 -23.73
C GLU A 341 4.32 -1.88 -23.77
N ALA A 342 4.96 -1.69 -22.61
CA ALA A 342 6.40 -1.85 -22.53
C ALA A 342 6.94 -1.57 -21.14
N CYS A 343 8.13 -2.08 -20.86
CA CYS A 343 8.76 -1.83 -19.57
C CYS A 343 9.01 -0.32 -19.62
N ALA A 344 8.40 0.39 -18.69
CA ALA A 344 8.50 1.84 -18.64
C ALA A 344 9.81 2.48 -18.15
N PHE A 345 10.94 1.78 -18.35
CA PHE A 345 12.24 2.33 -17.95
C PHE A 345 13.28 2.14 -19.03
C1 NAG B . -14.16 3.46 -15.67
C2 NAG B . -14.08 2.07 -14.97
C3 NAG B . -13.36 1.24 -15.97
C4 NAG B . -14.36 1.19 -17.14
C5 NAG B . -14.34 2.48 -17.83
C6 NAG B . -15.15 2.53 -19.19
C7 NAG B . -13.47 1.36 -12.76
C8 NAG B . -12.70 1.71 -11.50
N2 NAG B . -13.31 2.22 -13.76
O3 NAG B . -13.10 -0.05 -15.45
O4 NAG B . -13.97 0.30 -18.09
O5 NAG B . -14.90 3.40 -16.95
O6 NAG B . -16.37 1.80 -19.16
O7 NAG B . -14.17 0.34 -12.82
C1 NAG B . -13.88 -1.03 -18.66
C2 NAG B . -13.34 -1.76 -19.89
C3 NAG B . -14.10 -3.05 -20.19
C4 NAG B . -14.41 -3.85 -18.93
C5 NAG B . -15.03 -2.94 -17.87
C6 NAG B . -15.36 -3.66 -16.56
C7 NAG B . -12.32 -0.53 -21.72
C8 NAG B . -12.54 0.37 -22.91
N2 NAG B . -13.41 -0.91 -21.06
O3 NAG B . -13.33 -3.84 -21.07
O4 NAG B . -15.25 -4.94 -19.26
O5 NAG B . -14.11 -1.90 -17.58
O6 NAG B . -14.19 -4.09 -15.93
O7 NAG B . -11.18 -0.86 -21.40
C1 NAG C . -11.81 -3.00 7.62
C2 NAG C . -12.19 -4.40 7.69
C3 NAG C . -11.99 -5.01 8.97
C4 NAG C . -10.69 -4.62 9.67
C5 NAG C . -10.36 -3.17 9.55
C6 NAG C . -8.90 -2.94 10.11
C7 NAG C . -13.90 -4.65 6.10
C8 NAG C . -15.38 -4.68 5.77
N2 NAG C . -13.59 -4.47 7.38
O3 NAG C . -12.01 -6.39 8.74
O4 NAG C . -10.99 -4.79 11.04
O5 NAG C . -10.50 -2.73 8.16
O6 NAG C . -7.90 -3.36 9.18
O7 NAG C . -13.06 -4.83 5.22
C1 NAG C . -11.07 -6.09 11.66
C2 NAG C . -11.16 -6.05 13.18
C3 NAG C . -10.55 -7.32 13.79
C4 NAG C . -10.93 -8.65 13.02
C5 NAG C . -10.96 -8.45 11.49
C6 NAG C . -11.64 -9.57 10.70
C7 NAG C . -10.87 -4.03 14.52
C8 NAG C . -9.88 -2.98 15.04
N2 NAG C . -10.41 -4.89 13.61
O3 NAG C . -11.03 -7.40 15.12
O4 NAG C . -10.00 -9.69 13.34
O5 NAG C . -11.72 -7.27 11.19
O6 NAG C . -12.29 -9.10 9.51
O7 NAG C . -12.02 -4.05 14.95
C1 NAG D . 21.16 -18.49 7.67
C2 NAG D . 20.58 -19.08 8.98
C3 NAG D . 20.99 -20.55 9.16
C4 NAG D . 20.72 -21.35 7.89
C5 NAG D . 21.44 -20.68 6.74
C6 NAG D . 21.21 -21.44 5.47
C7 NAG D . 20.30 -17.40 10.70
C8 NAG D . 20.89 -16.74 11.93
N2 NAG D . 21.06 -18.33 10.13
O3 NAG D . 20.25 -21.12 10.23
O4 NAG D . 21.19 -22.67 8.05
O5 NAG D . 20.89 -19.37 6.56
O6 NAG D . 19.87 -21.88 5.39
O7 NAG D . 19.19 -17.05 10.28
ZN ZN E . -17.28 -5.01 -4.47
ZN ZN F . -1.91 -19.02 -14.91
FE FE G . -2.28 -1.04 -1.39
C CO3 H . -2.77 1.55 -2.00
O1 CO3 H . -1.65 1.25 -1.41
O2 CO3 H . -3.58 0.59 -2.41
O3 CO3 H . -3.07 2.77 -2.19
S SO4 I . -24.30 10.89 8.57
O1 SO4 I . -23.95 10.13 9.82
O2 SO4 I . -24.62 9.88 7.52
O3 SO4 I . -25.45 11.72 8.83
O4 SO4 I . -23.14 11.64 8.15
N1 NCA J . -6.96 -16.35 -7.14
C2 NCA J . -5.92 -15.97 -7.93
C3 NCA J . -5.60 -16.72 -9.11
C4 NCA J . -6.41 -17.88 -9.41
C5 NCA J . -7.48 -18.21 -8.55
C6 NCA J . -7.74 -17.44 -7.41
C7 NCA J . -4.46 -16.30 -9.99
O7 NCA J . -4.18 -16.96 -11.01
N7 NCA J . -3.72 -15.20 -9.66
#